data_3RQ6
#
_entry.id   3RQ6
#
_cell.length_a   91.542
_cell.length_b   91.542
_cell.length_c   169.131
_cell.angle_alpha   90.000
_cell.angle_beta   90.000
_cell.angle_gamma   90.000
#
_symmetry.space_group_name_H-M   'I 4 2 2'
#
loop_
_entity.id
_entity.type
_entity.pdbx_description
1 polymer 'ADP/ATP-dependent NAD(P)H-hydrate dehydratase'
2 non-polymer 'MAGNESIUM ION'
3 non-polymer ADENOSINE-5-DIPHOSPHORIBOSE
4 water water
#
_entity_poly.entity_id   1
_entity_poly.type   'polypeptide(L)'
_entity_poly.pdbx_seq_one_letter_code
;SNAMNVPFWTEEHVRATLPERDAESHKGTYGTALLLAGSDDMPGAALLAGLGAMRSGLGKLVIGTSENVIPLIVPVLPEA
TYWRDGWKKAADAQLEETYRAIAIGPGLPQTESVQQAVDHVLTADCPVILDAGALAKRTYPKREGPVILTPHPGEFFRMT
GVPVNELQKKRAEYAKEWAAQLQTVIVLKGNQTVIAFPDGDCWLNPTGNGALAKGGTGDTLTGMILGMLCCHEDPKHAVL
NAVYLHGACAELWTDEHSAHTLLAHELSDILPRVWKRFE
;
_entity_poly.pdbx_strand_id   A
#
# COMPACT_ATOMS: atom_id res chain seq x y z
N ALA A 3 -2.89 -13.36 21.55
CA ALA A 3 -1.83 -13.70 22.55
C ALA A 3 -1.14 -12.48 23.14
N MET A 4 -0.85 -11.48 22.32
CA MET A 4 -0.19 -10.24 22.79
C MET A 4 -1.23 -9.14 23.06
N ASN A 5 -2.51 -9.52 22.96
CA ASN A 5 -3.57 -8.53 23.08
C ASN A 5 -3.31 -7.28 22.25
N VAL A 6 -3.11 -7.46 20.99
CA VAL A 6 -2.96 -6.34 20.09
C VAL A 6 -4.33 -5.75 19.87
N PRO A 7 -4.49 -4.43 20.03
CA PRO A 7 -5.83 -3.84 19.87
C PRO A 7 -6.22 -3.73 18.37
N PHE A 8 -7.50 -3.65 18.14
CA PHE A 8 -8.04 -3.40 16.80
C PHE A 8 -8.07 -1.89 16.54
N TRP A 9 -7.75 -1.53 15.29
CA TRP A 9 -7.94 -0.16 14.80
C TRP A 9 -9.42 -0.07 14.48
N THR A 10 -10.18 0.54 15.37
CA THR A 10 -11.65 0.51 15.30
C THR A 10 -12.27 1.67 14.51
N GLU A 11 -13.55 1.56 14.19
CA GLU A 11 -14.31 2.64 13.59
C GLU A 11 -14.06 3.98 14.31
N GLU A 12 -14.08 3.99 15.64
CA GLU A 12 -13.94 5.24 16.39
C GLU A 12 -12.57 5.90 16.08
N HIS A 13 -11.53 5.08 15.96
CA HIS A 13 -10.18 5.54 15.61
C HIS A 13 -10.14 6.07 14.17
N VAL A 14 -10.79 5.40 13.23
CA VAL A 14 -10.89 5.87 11.86
C VAL A 14 -11.60 7.24 11.80
N ARG A 15 -12.76 7.29 12.45
CA ARG A 15 -13.55 8.52 12.42
C ARG A 15 -12.77 9.71 12.97
N ALA A 16 -11.97 9.45 14.01
CA ALA A 16 -11.21 10.50 14.69
C ALA A 16 -10.00 10.99 13.93
N THR A 17 -9.52 10.19 12.98
CA THR A 17 -8.27 10.46 12.27
C THR A 17 -8.33 10.73 10.78
N LEU A 18 -9.46 10.45 10.15
CA LEU A 18 -9.61 10.72 8.73
C LEU A 18 -9.58 12.24 8.50
N PRO A 19 -8.90 12.69 7.45
CA PRO A 19 -8.71 14.12 7.21
C PRO A 19 -9.91 14.78 6.56
N GLU A 20 -10.03 16.09 6.73
CA GLU A 20 -11.02 16.89 5.99
C GLU A 20 -10.45 17.29 4.67
N ARG A 21 -11.33 17.57 3.73
CA ARG A 21 -10.86 18.19 2.49
C ARG A 21 -11.46 19.58 2.37
N ASP A 22 -10.75 20.58 2.91
CA ASP A 22 -11.27 21.94 3.04
C ASP A 22 -11.60 22.62 1.74
N ALA A 23 -12.60 23.50 1.78
CA ALA A 23 -12.94 24.43 0.67
C ALA A 23 -11.72 25.17 0.16
N GLU A 24 -10.83 25.55 1.06
CA GLU A 24 -9.67 26.40 0.71
C GLU A 24 -8.51 25.60 0.13
N SER A 25 -8.64 24.29 0.01
CA SER A 25 -7.52 23.48 -0.38
C SER A 25 -7.35 23.47 -1.92
N HIS A 26 -6.15 23.16 -2.33
CA HIS A 26 -5.79 23.02 -3.74
C HIS A 26 -5.05 21.71 -3.88
N LYS A 27 -4.81 21.24 -5.09
CA LYS A 27 -4.31 19.84 -5.20
C LYS A 27 -2.89 19.71 -4.55
N GLY A 28 -2.11 20.80 -4.56
CA GLY A 28 -0.80 20.83 -3.94
C GLY A 28 -0.82 20.58 -2.44
N THR A 29 -1.93 20.94 -1.78
CA THR A 29 -2.12 20.60 -0.40
C THR A 29 -2.03 19.10 -0.19
N TYR A 30 -2.54 18.35 -1.17
CA TYR A 30 -2.65 16.89 -1.08
C TYR A 30 -1.52 16.17 -1.77
N GLY A 31 -0.65 16.89 -2.43
CA GLY A 31 0.61 16.33 -2.89
C GLY A 31 0.60 15.47 -4.13
N THR A 32 1.80 15.21 -4.67
CA THR A 32 2.01 14.34 -5.81
C THR A 32 2.64 13.04 -5.35
N ALA A 33 2.01 11.94 -5.68
CA ALA A 33 2.49 10.60 -5.37
C ALA A 33 3.18 10.04 -6.60
N LEU A 34 4.13 9.17 -6.35
CA LEU A 34 4.77 8.39 -7.38
C LEU A 34 4.49 6.94 -7.18
N LEU A 35 4.01 6.28 -8.25
CA LEU A 35 3.75 4.81 -8.23
C LEU A 35 4.69 4.17 -9.24
N LEU A 36 5.56 3.32 -8.72
CA LEU A 36 6.50 2.58 -9.57
C LEU A 36 6.01 1.12 -9.63
N ALA A 37 5.32 0.77 -10.71
CA ALA A 37 4.57 -0.50 -10.80
C ALA A 37 4.25 -0.87 -12.20
N GLY A 38 4.00 -2.17 -12.43
CA GLY A 38 3.46 -2.66 -13.69
C GLY A 38 4.61 -3.03 -14.62
N SER A 39 4.60 -4.25 -15.08
CA SER A 39 5.54 -4.70 -16.07
C SER A 39 4.85 -5.43 -17.20
N ASP A 40 5.58 -5.77 -18.24
CA ASP A 40 4.95 -6.34 -19.40
C ASP A 40 4.05 -7.58 -19.15
N ASP A 41 4.41 -8.53 -18.30
CA ASP A 41 3.50 -9.65 -18.02
C ASP A 41 2.66 -9.58 -16.76
N MET A 42 2.92 -8.56 -15.97
CA MET A 42 2.08 -8.21 -14.85
C MET A 42 1.72 -6.71 -14.97
N PRO A 43 0.99 -6.34 -16.04
CA PRO A 43 0.67 -4.93 -16.20
C PRO A 43 -0.45 -4.42 -15.29
N GLY A 44 -1.36 -5.32 -14.98
CA GLY A 44 -2.59 -4.93 -14.30
C GLY A 44 -2.39 -4.33 -12.93
N ALA A 45 -1.31 -4.74 -12.25
CA ALA A 45 -1.01 -4.21 -10.92
C ALA A 45 -0.91 -2.67 -10.94
N ALA A 46 -0.38 -2.11 -12.02
CA ALA A 46 -0.24 -0.65 -12.12
C ALA A 46 -1.64 0.03 -12.15
N LEU A 47 -2.59 -0.55 -12.91
CA LEU A 47 -3.90 0.00 -12.97
C LEU A 47 -4.59 -0.13 -11.63
N LEU A 48 -4.45 -1.30 -11.00
CA LEU A 48 -5.11 -1.51 -9.70
C LEU A 48 -4.57 -0.53 -8.63
N ALA A 49 -3.27 -0.44 -8.50
CA ALA A 49 -2.64 0.47 -7.53
C ALA A 49 -2.89 1.92 -7.92
N GLY A 50 -2.89 2.23 -9.22
CA GLY A 50 -3.18 3.59 -9.63
C GLY A 50 -4.56 4.06 -9.24
N LEU A 51 -5.55 3.23 -9.50
CA LEU A 51 -6.93 3.51 -9.15
C LEU A 51 -7.05 3.68 -7.62
N GLY A 52 -6.46 2.75 -6.87
CA GLY A 52 -6.49 2.82 -5.39
C GLY A 52 -5.91 4.14 -4.92
N ALA A 53 -4.82 4.56 -5.53
CA ALA A 53 -4.12 5.76 -5.06
C ALA A 53 -4.90 7.00 -5.40
N MET A 54 -5.41 7.13 -6.64
CA MET A 54 -6.17 8.35 -7.03
C MET A 54 -7.51 8.46 -6.31
N ARG A 55 -8.10 7.32 -5.98
CA ARG A 55 -9.26 7.31 -5.14
C ARG A 55 -9.02 7.76 -3.72
N SER A 56 -7.80 7.76 -3.25
CA SER A 56 -7.54 7.88 -1.83
C SER A 56 -6.93 9.20 -1.41
N GLY A 57 -7.36 10.28 -2.04
CA GLY A 57 -7.14 11.61 -1.51
C GLY A 57 -5.83 12.33 -1.84
N LEU A 58 -5.02 11.81 -2.76
CA LEU A 58 -3.90 12.54 -3.22
C LEU A 58 -4.30 13.76 -4.08
N GLY A 59 -3.31 14.55 -4.46
CA GLY A 59 -3.56 15.68 -5.37
C GLY A 59 -3.23 15.30 -6.79
N LYS A 60 -2.08 14.66 -7.03
CA LYS A 60 -1.66 14.21 -8.39
C LYS A 60 -1.03 12.83 -8.26
N LEU A 61 -1.05 12.05 -9.35
CA LEU A 61 -0.33 10.79 -9.43
C LEU A 61 0.51 10.73 -10.67
N VAL A 62 1.78 10.43 -10.48
CA VAL A 62 2.72 10.05 -11.56
C VAL A 62 2.94 8.53 -11.44
N ILE A 63 2.74 7.82 -12.56
CA ILE A 63 2.93 6.38 -12.64
C ILE A 63 4.18 6.15 -13.50
N GLY A 64 5.18 5.58 -12.87
CA GLY A 64 6.44 5.18 -13.53
C GLY A 64 6.30 3.72 -13.88
N THR A 65 5.72 3.49 -15.02
CA THR A 65 5.51 2.11 -15.49
C THR A 65 6.22 1.92 -16.81
N SER A 66 6.30 0.66 -17.20
CA SER A 66 6.81 0.29 -18.47
C SER A 66 6.04 0.95 -19.61
N GLU A 67 6.74 1.31 -20.66
CA GLU A 67 6.16 1.96 -21.76
C GLU A 67 4.90 1.30 -22.32
N ASN A 68 4.90 -0.04 -22.45
CA ASN A 68 3.77 -0.77 -22.99
C ASN A 68 2.57 -0.89 -22.06
N VAL A 69 2.79 -0.55 -20.79
CA VAL A 69 1.70 -0.59 -19.81
C VAL A 69 0.86 0.70 -19.82
N ILE A 70 1.52 1.83 -20.06
CA ILE A 70 0.88 3.13 -20.11
C ILE A 70 -0.47 3.11 -20.86
N PRO A 71 -0.51 2.62 -22.06
CA PRO A 71 -1.78 2.68 -22.83
C PRO A 71 -2.94 1.86 -22.18
N LEU A 72 -2.61 0.92 -21.29
CA LEU A 72 -3.59 0.06 -20.64
C LEU A 72 -4.23 0.74 -19.48
N ILE A 73 -3.59 1.81 -18.96
CA ILE A 73 -4.08 2.54 -17.83
C ILE A 73 -4.96 3.73 -18.21
N VAL A 74 -4.50 4.48 -19.19
CA VAL A 74 -5.11 5.74 -19.58
C VAL A 74 -6.63 5.74 -19.75
N PRO A 75 -7.22 4.77 -20.48
CA PRO A 75 -8.68 4.86 -20.71
C PRO A 75 -9.48 4.69 -19.44
N VAL A 76 -8.89 4.04 -18.42
CA VAL A 76 -9.57 3.79 -17.15
C VAL A 76 -9.28 4.89 -16.09
N LEU A 77 -8.06 5.42 -16.14
CA LEU A 77 -7.55 6.36 -15.13
C LEU A 77 -6.84 7.48 -15.89
N PRO A 78 -7.64 8.27 -16.65
CA PRO A 78 -6.98 9.32 -17.46
C PRO A 78 -6.39 10.48 -16.63
N GLU A 79 -6.65 10.48 -15.33
CA GLU A 79 -6.14 11.51 -14.44
C GLU A 79 -4.69 11.37 -14.02
N ALA A 80 -4.09 10.18 -14.25
CA ALA A 80 -2.69 9.95 -13.95
C ALA A 80 -1.83 10.46 -15.07
N THR A 81 -0.65 10.92 -14.72
CA THR A 81 0.39 11.17 -15.70
C THR A 81 1.53 10.20 -15.49
N TYR A 82 2.52 10.24 -16.41
CA TYR A 82 3.49 9.14 -16.51
C TYR A 82 4.93 9.60 -16.49
N TRP A 83 5.76 8.73 -15.91
CA TRP A 83 7.18 8.77 -16.05
C TRP A 83 7.53 7.53 -16.84
N ARG A 84 7.80 7.70 -18.14
CA ARG A 84 7.95 6.56 -19.02
C ARG A 84 9.12 5.67 -18.61
N ASP A 85 8.84 4.37 -18.46
CA ASP A 85 9.83 3.38 -17.96
C ASP A 85 10.43 3.79 -16.63
N GLY A 86 9.60 4.39 -15.76
CA GLY A 86 10.13 5.06 -14.60
C GLY A 86 10.75 4.11 -13.60
N TRP A 87 10.15 2.91 -13.41
CA TRP A 87 10.72 1.97 -12.40
C TRP A 87 12.06 1.43 -12.85
N LYS A 88 12.24 1.33 -14.14
CA LYS A 88 13.55 0.96 -14.69
C LYS A 88 14.56 2.10 -14.57
N LYS A 89 14.15 3.31 -14.97
CA LYS A 89 14.99 4.48 -14.83
C LYS A 89 15.43 4.74 -13.40
N ALA A 90 14.56 4.44 -12.43
CA ALA A 90 14.89 4.64 -11.04
C ALA A 90 16.06 3.75 -10.55
N ALA A 91 16.36 2.67 -11.27
CA ALA A 91 17.51 1.85 -10.94
C ALA A 91 18.80 2.63 -11.15
N ASP A 92 18.78 3.62 -12.03
CA ASP A 92 19.98 4.29 -12.47
C ASP A 92 20.29 5.62 -11.78
N ALA A 93 19.34 6.27 -11.15
CA ALA A 93 19.73 7.55 -10.53
C ALA A 93 18.70 7.99 -9.56
N GLN A 94 19.09 8.98 -8.77
CA GLN A 94 18.24 9.51 -7.72
C GLN A 94 17.07 10.17 -8.35
N LEU A 95 15.95 10.15 -7.65
CA LEU A 95 14.84 10.92 -8.11
C LEU A 95 15.19 12.41 -8.00
N GLU A 96 14.86 13.14 -9.08
CA GLU A 96 15.11 14.56 -9.20
C GLU A 96 13.91 15.36 -8.73
N GLU A 97 12.73 14.76 -8.78
CA GLU A 97 11.52 15.47 -8.37
C GLU A 97 11.18 15.04 -6.94
N THR A 98 10.39 15.91 -6.29
CA THR A 98 9.94 15.73 -4.94
C THR A 98 8.51 15.17 -4.97
N TYR A 99 8.28 14.11 -4.21
CA TYR A 99 7.01 13.49 -4.11
C TYR A 99 6.61 13.47 -2.66
N ARG A 100 5.30 13.50 -2.40
CA ARG A 100 4.72 13.40 -1.06
C ARG A 100 4.82 12.02 -0.48
N ALA A 101 4.73 11.03 -1.36
CA ALA A 101 4.88 9.60 -1.02
C ALA A 101 5.21 8.81 -2.29
N ILE A 102 5.86 7.67 -2.12
CA ILE A 102 6.25 6.80 -3.22
C ILE A 102 5.87 5.38 -2.90
N ALA A 103 5.32 4.66 -3.86
CA ALA A 103 5.13 3.21 -3.71
C ALA A 103 5.89 2.54 -4.84
N ILE A 104 6.51 1.41 -4.53
CA ILE A 104 7.22 0.59 -5.50
C ILE A 104 6.93 -0.90 -5.33
N GLY A 105 6.71 -1.58 -6.44
CA GLY A 105 6.70 -3.05 -6.44
C GLY A 105 5.53 -3.79 -7.11
N PRO A 106 4.27 -3.29 -6.98
CA PRO A 106 3.18 -4.07 -7.60
C PRO A 106 3.44 -4.35 -9.06
N GLY A 107 3.32 -5.61 -9.45
CA GLY A 107 3.65 -6.03 -10.82
C GLY A 107 5.07 -5.98 -11.31
N LEU A 108 6.02 -5.76 -10.39
CA LEU A 108 7.42 -5.77 -10.76
C LEU A 108 8.01 -7.13 -10.39
N PRO A 109 8.98 -7.54 -11.18
CA PRO A 109 9.69 -8.78 -10.94
C PRO A 109 10.60 -8.65 -9.73
N GLN A 110 11.00 -9.79 -9.18
CA GLN A 110 11.80 -9.84 -7.97
C GLN A 110 13.25 -9.88 -8.37
N THR A 111 13.72 -8.76 -8.86
CA THR A 111 15.04 -8.72 -9.43
C THR A 111 15.95 -7.72 -8.67
N GLU A 112 17.24 -7.85 -8.94
CA GLU A 112 18.22 -6.95 -8.36
C GLU A 112 18.03 -5.53 -8.86
N SER A 113 17.60 -5.35 -10.12
CA SER A 113 17.36 -3.98 -10.66
C SER A 113 16.22 -3.27 -9.93
N VAL A 114 15.22 -4.04 -9.50
CA VAL A 114 14.13 -3.50 -8.72
C VAL A 114 14.68 -3.06 -7.37
N GLN A 115 15.57 -3.88 -6.78
CA GLN A 115 16.21 -3.47 -5.55
C GLN A 115 17.06 -2.21 -5.69
N GLN A 116 17.72 -2.03 -6.82
CA GLN A 116 18.46 -0.82 -7.09
C GLN A 116 17.56 0.38 -7.16
N ALA A 117 16.40 0.23 -7.79
CA ALA A 117 15.37 1.29 -7.75
C ALA A 117 14.90 1.59 -6.32
N VAL A 118 14.68 0.54 -5.52
CA VAL A 118 14.30 0.73 -4.09
C VAL A 118 15.36 1.56 -3.38
N ASP A 119 16.66 1.29 -3.65
CA ASP A 119 17.69 2.03 -2.94
C ASP A 119 17.68 3.50 -3.35
N HIS A 120 17.47 3.78 -4.63
CA HIS A 120 17.41 5.15 -5.06
C HIS A 120 16.17 5.87 -4.50
N VAL A 121 15.03 5.20 -4.43
CA VAL A 121 13.78 5.81 -3.92
C VAL A 121 13.95 6.12 -2.43
N LEU A 122 14.66 5.27 -1.72
CA LEU A 122 14.86 5.50 -0.25
C LEU A 122 15.70 6.74 0.08
N THR A 123 16.43 7.31 -0.88
CA THR A 123 17.11 8.54 -0.61
C THR A 123 16.22 9.77 -0.68
N ALA A 124 14.95 9.63 -1.11
CA ALA A 124 13.98 10.72 -1.06
C ALA A 124 13.59 10.87 0.42
N ASP A 125 13.01 12.00 0.81
CA ASP A 125 12.64 12.17 2.23
C ASP A 125 11.27 11.63 2.70
N CYS A 126 10.48 11.14 1.77
CA CYS A 126 9.07 10.94 2.00
C CYS A 126 8.80 9.51 2.46
N PRO A 127 7.58 9.24 2.90
CA PRO A 127 7.21 7.84 3.12
C PRO A 127 7.30 7.00 1.82
N VAL A 128 7.74 5.75 1.97
CA VAL A 128 7.86 4.84 0.86
C VAL A 128 7.22 3.51 1.22
N ILE A 129 6.42 2.99 0.31
CA ILE A 129 5.81 1.69 0.42
C ILE A 129 6.53 0.74 -0.53
N LEU A 130 6.85 -0.43 -0.01
CA LEU A 130 7.40 -1.53 -0.77
C LEU A 130 6.44 -2.70 -0.76
N ASP A 131 6.15 -3.23 -1.92
CA ASP A 131 5.19 -4.31 -2.07
C ASP A 131 5.69 -5.28 -3.11
N ALA A 132 5.13 -6.47 -3.11
CA ALA A 132 5.31 -7.41 -4.19
C ALA A 132 6.75 -7.61 -4.59
N GLY A 133 7.07 -7.30 -5.82
CA GLY A 133 8.40 -7.52 -6.32
C GLY A 133 9.50 -6.75 -5.63
N ALA A 134 9.15 -5.71 -4.92
CA ALA A 134 10.13 -4.93 -4.21
C ALA A 134 10.40 -5.48 -2.83
N LEU A 135 9.67 -6.49 -2.44
CA LEU A 135 9.92 -7.17 -1.17
C LEU A 135 11.02 -8.26 -1.30
N ALA A 136 12.07 -8.13 -0.48
CA ALA A 136 13.21 -9.04 -0.48
C ALA A 136 13.78 -9.14 0.89
N LYS A 137 14.66 -10.13 1.08
CA LYS A 137 15.46 -10.24 2.32
C LYS A 137 16.53 -9.20 2.25
N ARG A 138 16.45 -8.20 3.09
CA ARG A 138 17.38 -7.06 3.02
C ARG A 138 17.29 -6.21 4.28
N THR A 139 18.14 -5.20 4.38
CA THR A 139 18.01 -4.20 5.42
C THR A 139 17.79 -2.82 4.80
N TYR A 140 17.55 -1.84 5.64
CA TYR A 140 17.05 -0.52 5.24
C TYR A 140 17.88 0.57 5.89
N PRO A 141 18.18 1.62 5.13
CA PRO A 141 19.02 2.66 5.70
C PRO A 141 18.24 3.62 6.60
N LYS A 142 18.90 4.19 7.61
CA LYS A 142 18.27 5.20 8.41
C LYS A 142 17.89 6.36 7.47
N ARG A 143 16.64 6.83 7.54
CA ARG A 143 16.19 7.97 6.72
C ARG A 143 15.03 8.64 7.47
N GLU A 144 14.50 9.73 6.94
CA GLU A 144 13.45 10.48 7.66
C GLU A 144 12.08 9.75 7.71
N GLY A 145 11.62 9.44 6.52
CA GLY A 145 10.29 9.02 6.32
C GLY A 145 10.17 7.54 6.57
N PRO A 146 8.97 7.08 6.89
CA PRO A 146 8.80 5.68 7.13
C PRO A 146 8.91 4.86 5.87
N VAL A 147 9.34 3.62 6.05
CA VAL A 147 9.33 2.60 5.03
C VAL A 147 8.25 1.59 5.43
N ILE A 148 7.32 1.33 4.51
CA ILE A 148 6.14 0.52 4.81
C ILE A 148 6.19 -0.71 3.90
N LEU A 149 6.39 -1.88 4.49
CA LEU A 149 6.41 -3.18 3.80
C LEU A 149 5.04 -3.81 3.87
N THR A 150 4.54 -4.30 2.75
CA THR A 150 3.21 -4.88 2.76
C THR A 150 3.16 -6.36 2.30
N PRO A 151 3.86 -7.25 3.00
CA PRO A 151 3.91 -8.66 2.60
C PRO A 151 2.65 -9.48 2.93
N HIS A 152 2.27 -10.34 1.99
CA HIS A 152 1.47 -11.50 2.37
CA HIS A 152 1.50 -11.58 2.20
C HIS A 152 2.42 -12.53 2.99
N PRO A 153 1.85 -13.54 3.65
CA PRO A 153 2.71 -14.49 4.37
C PRO A 153 3.86 -15.09 3.58
N GLY A 154 3.64 -15.46 2.31
CA GLY A 154 4.70 -15.94 1.48
C GLY A 154 5.85 -14.97 1.27
N GLU A 155 5.52 -13.69 1.13
CA GLU A 155 6.55 -12.66 0.96
C GLU A 155 7.28 -12.45 2.30
N PHE A 156 6.55 -12.60 3.39
CA PHE A 156 7.14 -12.51 4.73
C PHE A 156 8.17 -13.60 4.93
N PHE A 157 7.86 -14.78 4.44
CA PHE A 157 8.83 -15.86 4.40
C PHE A 157 10.03 -15.47 3.55
N ARG A 158 9.79 -14.91 2.40
CA ARG A 158 10.89 -14.49 1.55
C ARG A 158 11.76 -13.46 2.27
N MET A 159 11.17 -12.59 3.04
CA MET A 159 11.90 -11.52 3.69
C MET A 159 12.70 -11.97 4.92
N THR A 160 12.17 -12.94 5.62
CA THR A 160 12.63 -13.31 6.97
C THR A 160 13.14 -14.76 7.17
N GLY A 161 12.81 -15.68 6.26
CA GLY A 161 12.97 -17.10 6.50
C GLY A 161 12.01 -17.76 7.48
N VAL A 162 11.06 -17.02 8.04
CA VAL A 162 10.02 -17.65 8.90
C VAL A 162 9.06 -18.37 7.99
N PRO A 163 8.99 -19.70 8.07
CA PRO A 163 8.03 -20.40 7.21
C PRO A 163 6.59 -20.04 7.51
N VAL A 164 5.77 -20.08 6.48
CA VAL A 164 4.37 -19.65 6.54
C VAL A 164 3.58 -20.41 7.60
N ASN A 165 3.76 -21.72 7.71
CA ASN A 165 3.05 -22.50 8.72
CA ASN A 165 3.01 -22.45 8.73
C ASN A 165 3.38 -22.07 10.15
N GLU A 166 4.60 -21.56 10.36
CA GLU A 166 5.02 -21.05 11.66
C GLU A 166 4.53 -19.62 11.90
N LEU A 167 4.69 -18.80 10.87
CA LEU A 167 4.22 -17.42 10.89
C LEU A 167 2.78 -17.35 11.32
N GLN A 168 1.97 -18.21 10.76
CA GLN A 168 0.55 -18.10 10.94
C GLN A 168 0.05 -18.46 12.33
N LYS A 169 0.90 -19.09 13.11
CA LYS A 169 0.59 -19.39 14.49
C LYS A 169 0.79 -18.22 15.41
N LYS A 170 1.60 -17.27 15.00
CA LYS A 170 2.03 -16.20 15.85
C LYS A 170 2.21 -14.93 15.01
N ARG A 171 1.18 -14.57 14.26
CA ARG A 171 1.31 -13.50 13.29
C ARG A 171 1.80 -12.19 13.87
N ALA A 172 1.14 -11.70 14.89
CA ALA A 172 1.51 -10.42 15.43
C ALA A 172 2.89 -10.42 16.06
N GLU A 173 3.23 -11.49 16.74
CA GLU A 173 4.53 -11.61 17.39
C GLU A 173 5.64 -11.52 16.35
N TYR A 174 5.51 -12.26 15.23
CA TYR A 174 6.53 -12.15 14.17
C TYR A 174 6.53 -10.80 13.48
N ALA A 175 5.35 -10.26 13.17
CA ALA A 175 5.27 -8.96 12.51
C ALA A 175 5.93 -7.88 13.39
N LYS A 176 5.65 -7.90 14.68
CA LYS A 176 6.25 -6.91 15.60
C LYS A 176 7.76 -7.05 15.72
N GLU A 177 8.21 -8.28 15.85
CA GLU A 177 9.64 -8.57 15.94
C GLU A 177 10.41 -8.08 14.74
N TRP A 178 9.87 -8.30 13.54
CA TRP A 178 10.58 -7.95 12.32
C TRP A 178 10.42 -6.46 11.99
N ALA A 179 9.29 -5.84 12.39
CA ALA A 179 9.13 -4.40 12.21
C ALA A 179 10.23 -3.73 13.06
N ALA A 180 10.43 -4.24 14.26
CA ALA A 180 11.48 -3.73 15.16
C ALA A 180 12.87 -3.96 14.58
N GLN A 181 13.17 -5.18 14.18
CA GLN A 181 14.48 -5.56 13.62
CA GLN A 181 14.51 -5.50 13.65
C GLN A 181 14.85 -4.74 12.39
N LEU A 182 13.89 -4.61 11.47
CA LEU A 182 14.14 -3.92 10.19
C LEU A 182 14.00 -2.40 10.29
N GLN A 183 13.30 -1.97 11.34
CA GLN A 183 12.87 -0.57 11.52
C GLN A 183 12.03 -0.07 10.34
N THR A 184 11.06 -0.89 9.98
CA THR A 184 10.07 -0.59 8.96
C THR A 184 8.68 -0.84 9.56
N VAL A 185 7.66 -0.22 8.97
CA VAL A 185 6.28 -0.63 9.23
C VAL A 185 6.12 -1.95 8.49
N ILE A 186 5.38 -2.88 9.04
CA ILE A 186 4.97 -4.11 8.37
C ILE A 186 3.47 -4.25 8.46
N VAL A 187 2.81 -4.27 7.29
CA VAL A 187 1.44 -4.60 7.11
C VAL A 187 1.43 -6.08 6.66
N LEU A 188 1.17 -6.97 7.60
CA LEU A 188 1.21 -8.42 7.36
C LEU A 188 -0.21 -8.86 7.02
N LYS A 189 -0.39 -9.15 5.77
CA LYS A 189 -1.70 -9.37 5.20
C LYS A 189 -2.32 -10.68 5.63
N GLY A 190 -3.64 -10.73 5.51
CA GLY A 190 -4.45 -11.87 5.87
C GLY A 190 -5.69 -11.44 6.61
N ASN A 191 -6.54 -12.39 6.93
CA ASN A 191 -7.59 -12.13 7.91
C ASN A 191 -6.89 -11.53 9.13
N GLN A 192 -7.47 -10.49 9.73
CA GLN A 192 -6.89 -9.77 10.86
C GLN A 192 -5.45 -9.35 10.49
N THR A 193 -5.34 -8.56 9.43
CA THR A 193 -4.07 -7.98 8.99
C THR A 193 -3.41 -7.29 10.20
N VAL A 194 -2.12 -7.54 10.36
CA VAL A 194 -1.34 -6.90 11.42
C VAL A 194 -0.66 -5.66 10.86
N ILE A 195 -0.77 -4.54 11.57
CA ILE A 195 -0.07 -3.31 11.26
C ILE A 195 0.91 -3.04 12.40
N ALA A 196 2.16 -3.42 12.15
CA ALA A 196 3.23 -3.29 13.12
C ALA A 196 4.19 -2.15 12.78
N PHE A 197 4.39 -1.27 13.76
CA PHE A 197 5.22 -0.09 13.61
C PHE A 197 6.60 -0.32 14.26
N PRO A 198 7.64 0.30 13.70
CA PRO A 198 8.98 0.06 14.28
C PRO A 198 9.20 0.67 15.60
N ASP A 199 8.27 1.53 16.07
CA ASP A 199 8.37 2.04 17.43
C ASP A 199 7.66 1.15 18.45
N GLY A 200 7.17 -0.01 17.98
CA GLY A 200 6.51 -0.98 18.84
C GLY A 200 5.01 -0.88 18.91
N ASP A 201 4.43 0.19 18.37
CA ASP A 201 2.95 0.24 18.28
C ASP A 201 2.55 -0.92 17.34
N CYS A 202 1.42 -1.52 17.59
CA CYS A 202 0.88 -2.55 16.75
C CYS A 202 -0.63 -2.61 16.89
N TRP A 203 -1.29 -2.87 15.76
CA TRP A 203 -2.73 -2.98 15.69
C TRP A 203 -3.13 -4.14 14.79
N LEU A 204 -4.34 -4.60 15.00
CA LEU A 204 -4.98 -5.54 14.08
C LEU A 204 -6.10 -4.84 13.34
N ASN A 205 -6.28 -5.24 12.11
CA ASN A 205 -7.40 -4.70 11.34
C ASN A 205 -8.65 -5.55 11.47
N PRO A 206 -9.79 -4.95 11.88
CA PRO A 206 -10.98 -5.70 12.10
C PRO A 206 -11.88 -5.92 10.87
N THR A 207 -11.56 -5.33 9.74
CA THR A 207 -12.48 -5.33 8.60
C THR A 207 -11.98 -6.30 7.53
N GLY A 208 -12.87 -6.61 6.59
CA GLY A 208 -12.56 -7.47 5.50
C GLY A 208 -13.15 -8.87 5.62
N ASN A 209 -13.06 -9.61 4.53
CA ASN A 209 -13.55 -10.97 4.48
C ASN A 209 -12.95 -11.69 3.30
N GLY A 210 -13.40 -12.94 3.08
CA GLY A 210 -12.76 -13.74 2.07
C GLY A 210 -12.99 -13.30 0.63
N ALA A 211 -13.79 -12.24 0.44
CA ALA A 211 -13.94 -11.65 -0.90
C ALA A 211 -12.60 -11.10 -1.35
N LEU A 212 -11.78 -10.74 -0.37
CA LEU A 212 -10.42 -10.22 -0.68
C LEU A 212 -9.39 -11.25 -1.06
N ALA A 213 -9.70 -12.53 -0.92
CA ALA A 213 -8.76 -13.60 -1.15
C ALA A 213 -8.74 -13.94 -2.65
N LYS A 214 -8.26 -12.98 -3.45
CA LYS A 214 -8.20 -13.12 -4.90
C LYS A 214 -7.20 -12.14 -5.42
N GLY A 215 -6.58 -12.48 -6.57
CA GLY A 215 -5.58 -11.64 -7.18
C GLY A 215 -6.01 -10.19 -7.34
N GLY A 216 -5.14 -9.31 -6.87
CA GLY A 216 -5.22 -7.87 -7.18
C GLY A 216 -5.61 -7.01 -6.03
N THR A 217 -6.18 -7.61 -5.00
CA THR A 217 -6.68 -6.84 -3.89
C THR A 217 -5.56 -6.18 -3.06
N GLY A 218 -4.37 -6.78 -3.08
CA GLY A 218 -3.22 -6.20 -2.42
C GLY A 218 -2.62 -5.07 -3.23
N ASP A 219 -2.59 -5.20 -4.56
CA ASP A 219 -2.18 -4.08 -5.43
C ASP A 219 -3.07 -2.87 -5.16
N THR A 220 -4.39 -3.09 -5.06
CA THR A 220 -5.31 -2.01 -4.75
C THR A 220 -4.97 -1.39 -3.36
N LEU A 221 -4.69 -2.23 -2.37
CA LEU A 221 -4.33 -1.71 -1.05
C LEU A 221 -3.06 -0.87 -1.08
N THR A 222 -2.06 -1.29 -1.84
CA THR A 222 -0.86 -0.49 -1.95
C THR A 222 -1.17 0.90 -2.44
N GLY A 223 -2.04 1.01 -3.44
CA GLY A 223 -2.43 2.32 -3.91
C GLY A 223 -3.22 3.12 -2.89
N MET A 224 -4.08 2.45 -2.19
CA MET A 224 -4.87 3.13 -1.15
C MET A 224 -3.95 3.72 -0.05
N ILE A 225 -2.96 2.94 0.37
CA ILE A 225 -1.99 3.45 1.34
C ILE A 225 -1.30 4.67 0.73
N LEU A 226 -0.80 4.54 -0.51
CA LEU A 226 -0.12 5.63 -1.18
C LEU A 226 -0.93 6.91 -1.17
N GLY A 227 -2.19 6.85 -1.60
CA GLY A 227 -3.00 8.06 -1.58
C GLY A 227 -3.27 8.58 -0.16
N MET A 228 -3.50 7.68 0.79
CA MET A 228 -3.80 8.14 2.18
C MET A 228 -2.59 8.79 2.83
N LEU A 229 -1.38 8.40 2.43
CA LEU A 229 -0.16 9.04 2.95
C LEU A 229 -0.07 10.49 2.50
N CYS A 230 -0.73 10.79 1.40
CA CYS A 230 -0.77 12.14 0.84
C CYS A 230 -1.79 13.05 1.53
N CYS A 231 -2.86 12.51 2.08
CA CYS A 231 -3.87 13.38 2.68
C CYS A 231 -3.95 13.32 4.19
N HIS A 232 -3.22 12.38 4.82
CA HIS A 232 -3.11 12.35 6.28
C HIS A 232 -1.84 13.05 6.74
N GLU A 233 -1.89 13.90 7.75
CA GLU A 233 -0.64 14.43 8.31
C GLU A 233 0.24 13.35 8.99
N ASP A 234 -0.43 12.37 9.60
CA ASP A 234 0.26 11.33 10.37
C ASP A 234 0.29 10.06 9.54
N PRO A 235 1.47 9.63 9.07
CA PRO A 235 1.46 8.50 8.14
C PRO A 235 1.03 7.21 8.78
N LYS A 236 1.15 7.12 10.11
CA LYS A 236 0.60 5.95 10.82
C LYS A 236 -0.90 5.81 10.59
N HIS A 237 -1.61 6.92 10.76
CA HIS A 237 -3.03 6.94 10.52
C HIS A 237 -3.37 6.64 9.07
N ALA A 238 -2.53 7.11 8.10
CA ALA A 238 -2.75 6.80 6.71
C ALA A 238 -2.78 5.29 6.49
N VAL A 239 -1.74 4.60 7.01
CA VAL A 239 -1.64 3.15 6.82
C VAL A 239 -2.83 2.44 7.46
N LEU A 240 -3.11 2.78 8.72
CA LEU A 240 -4.21 2.16 9.46
C LEU A 240 -5.56 2.36 8.77
N ASN A 241 -5.85 3.59 8.38
CA ASN A 241 -7.12 3.87 7.70
C ASN A 241 -7.23 3.20 6.35
N ALA A 242 -6.14 3.09 5.62
CA ALA A 242 -6.19 2.43 4.33
C ALA A 242 -6.55 0.97 4.47
N VAL A 243 -5.88 0.31 5.40
CA VAL A 243 -6.12 -1.11 5.63
C VAL A 243 -7.57 -1.30 6.08
N TYR A 244 -8.05 -0.41 6.95
CA TYR A 244 -9.40 -0.53 7.49
C TYR A 244 -10.46 -0.33 6.36
N LEU A 245 -10.35 0.80 5.69
CA LEU A 245 -11.33 1.11 4.64
C LEU A 245 -11.31 0.10 3.51
N HIS A 246 -10.12 -0.42 3.14
CA HIS A 246 -10.00 -1.47 2.16
C HIS A 246 -10.84 -2.68 2.56
N GLY A 247 -10.76 -3.13 3.82
CA GLY A 247 -11.54 -4.25 4.28
C GLY A 247 -13.03 -3.89 4.36
N ALA A 248 -13.32 -2.65 4.68
CA ALA A 248 -14.70 -2.23 4.85
C ALA A 248 -15.41 -2.27 3.48
N CYS A 249 -14.65 -2.01 2.42
CA CYS A 249 -15.22 -2.08 1.06
C CYS A 249 -15.65 -3.54 0.71
N ALA A 250 -14.84 -4.53 1.09
CA ALA A 250 -15.23 -5.92 0.90
C ALA A 250 -16.47 -6.26 1.67
N GLU A 251 -16.61 -5.70 2.87
CA GLU A 251 -17.80 -5.97 3.67
C GLU A 251 -19.02 -5.36 3.03
N LEU A 252 -18.91 -4.15 2.50
CA LEU A 252 -20.07 -3.59 1.79
C LEU A 252 -20.45 -4.46 0.61
N TRP A 253 -19.48 -4.90 -0.17
CA TRP A 253 -19.73 -5.76 -1.28
C TRP A 253 -20.54 -7.00 -0.94
N THR A 254 -20.24 -7.64 0.20
CA THR A 254 -20.89 -8.93 0.50
C THR A 254 -22.32 -8.76 1.03
N ASP A 255 -22.74 -7.51 1.27
CA ASP A 255 -24.13 -7.30 1.69
C ASP A 255 -25.10 -7.80 0.62
N GLU A 256 -24.78 -7.57 -0.65
CA GLU A 256 -25.68 -7.92 -1.75
C GLU A 256 -25.01 -8.73 -2.88
N HIS A 257 -23.73 -9.04 -2.72
CA HIS A 257 -23.00 -9.82 -3.70
C HIS A 257 -22.24 -10.98 -3.03
N SER A 258 -22.06 -12.09 -3.74
CA SER A 258 -21.35 -13.21 -3.16
C SER A 258 -19.87 -12.89 -3.02
N ALA A 259 -19.29 -13.29 -1.87
CA ALA A 259 -17.91 -13.13 -1.61
C ALA A 259 -17.02 -13.81 -2.62
N HIS A 260 -17.53 -14.77 -3.37
CA HIS A 260 -16.70 -15.40 -4.40
C HIS A 260 -16.44 -14.56 -5.61
N THR A 261 -17.15 -13.45 -5.78
CA THR A 261 -17.34 -12.80 -7.07
C THR A 261 -16.69 -11.42 -7.19
N LEU A 262 -16.10 -10.88 -6.14
CA LEU A 262 -15.52 -9.53 -6.16
C LEU A 262 -14.32 -9.51 -7.08
N LEU A 263 -14.20 -8.42 -7.82
CA LEU A 263 -12.93 -8.18 -8.57
C LEU A 263 -12.28 -6.97 -7.87
N ALA A 264 -10.96 -7.04 -7.69
CA ALA A 264 -10.22 -6.07 -6.87
C ALA A 264 -10.53 -4.63 -7.27
N HIS A 265 -10.58 -4.35 -8.58
CA HIS A 265 -10.78 -2.94 -9.00
C HIS A 265 -12.05 -2.37 -8.46
N GLU A 266 -13.01 -3.24 -8.19
CA GLU A 266 -14.25 -2.78 -7.64
C GLU A 266 -14.11 -2.19 -6.25
N LEU A 267 -13.11 -2.62 -5.48
CA LEU A 267 -12.84 -2.02 -4.20
C LEU A 267 -12.70 -0.49 -4.34
N SER A 268 -12.02 -0.07 -5.36
CA SER A 268 -11.85 1.33 -5.65
C SER A 268 -13.11 2.06 -6.06
N ASP A 269 -14.06 1.35 -6.68
CA ASP A 269 -15.38 1.88 -7.07
C ASP A 269 -16.23 2.05 -5.80
N ILE A 270 -16.01 1.18 -4.80
CA ILE A 270 -16.81 1.14 -3.55
C ILE A 270 -16.34 2.17 -2.54
N LEU A 271 -15.05 2.41 -2.51
CA LEU A 271 -14.42 3.29 -1.51
C LEU A 271 -15.08 4.67 -1.37
N PRO A 272 -15.51 5.29 -2.49
CA PRO A 272 -16.16 6.64 -2.31
C PRO A 272 -17.33 6.64 -1.34
N ARG A 273 -18.20 5.65 -1.45
CA ARG A 273 -19.37 5.61 -0.56
C ARG A 273 -19.01 5.16 0.86
N VAL A 274 -18.11 4.20 0.96
CA VAL A 274 -17.66 3.66 2.24
C VAL A 274 -16.97 4.75 3.05
N TRP A 275 -16.08 5.49 2.42
CA TRP A 275 -15.33 6.56 3.09
C TRP A 275 -16.35 7.60 3.62
N LYS A 276 -17.36 7.94 2.83
CA LYS A 276 -18.38 8.91 3.25
C LYS A 276 -19.00 8.55 4.58
N ARG A 277 -19.24 7.26 4.76
CA ARG A 277 -19.96 6.84 5.97
CA ARG A 277 -19.93 6.77 5.96
C ARG A 277 -19.14 7.06 7.24
N PHE A 278 -17.80 7.13 7.11
CA PHE A 278 -16.86 7.39 8.24
C PHE A 278 -16.51 8.83 8.47
N GLU A 279 -17.17 9.73 7.71
CA GLU A 279 -17.03 11.16 7.84
C GLU A 279 -18.11 11.72 8.78
#